data_2BQP
#
_entry.id   2BQP
#
_cell.length_a   62.838
_cell.length_b   135.246
_cell.length_c   54.781
_cell.angle_alpha   90.00
_cell.angle_beta   90.00
_cell.angle_gamma   90.00
#
_symmetry.space_group_name_H-M   'P 21 21 21'
#
loop_
_entity.id
_entity.type
_entity.pdbx_description
1 polymer 'PROTEIN (PEA LECTIN)'
2 non-polymer alpha-D-glucopyranose
3 non-polymer 'CALCIUM ION'
4 non-polymer 'MANGANESE (II) ION'
5 water water
#
_entity_poly.entity_id   1
_entity_poly.type   'polypeptide(L)'
_entity_poly.pdbx_seq_one_letter_code
;TETTSFLITKFSPDQQNLIFQGDGYTTKEKLTLTKAVKNTVGRALYSSPIHIWDRETGNVANFVTSFTFVINAPNSYNVA
DGFTFFIAPVDTKPQTGGGYLGVFNSAEYDKTTQTVAVEFDTFYNAAWDPSNRDRHIGIDVNSIKSVNTKSWKLQNGEEA
NVVIAFNAATNVLTVSLTYPNNSLEEEVTSYTLSDVVSLKDVVPEWVRIGFSATTGAEYAAHEVLSWSFHSELS
;
_entity_poly.pdbx_strand_id   A,B
#
# COMPACT_ATOMS: atom_id res chain seq x y z
N THR A 1 -3.42 -7.58 14.85
CA THR A 1 -2.25 -6.78 14.39
C THR A 1 -2.35 -6.45 12.92
N GLU A 2 -1.99 -5.23 12.57
CA GLU A 2 -2.03 -4.79 11.20
C GLU A 2 -0.84 -3.87 10.99
N THR A 3 -0.06 -4.09 9.94
CA THR A 3 1.09 -3.22 9.68
C THR A 3 1.17 -2.86 8.21
N THR A 4 1.81 -1.73 7.93
CA THR A 4 1.97 -1.23 6.58
C THR A 4 3.36 -0.64 6.47
N SER A 5 4.08 -0.95 5.39
CA SER A 5 5.43 -0.41 5.20
C SER A 5 5.79 -0.26 3.74
N PHE A 6 6.68 0.69 3.47
CA PHE A 6 7.19 0.88 2.12
C PHE A 6 8.48 1.67 2.15
N LEU A 7 9.25 1.57 1.08
CA LEU A 7 10.51 2.27 0.93
C LEU A 7 10.70 2.51 -0.55
N ILE A 8 11.01 3.74 -0.90
CA ILE A 8 11.23 4.15 -2.28
C ILE A 8 12.47 4.99 -2.16
N THR A 9 13.63 4.49 -2.57
CA THR A 9 14.84 5.32 -2.44
C THR A 9 15.13 6.11 -3.70
N LYS A 10 14.34 5.86 -4.73
CA LYS A 10 14.45 6.55 -6.00
C LYS A 10 13.08 6.50 -6.63
N PHE A 11 12.64 7.63 -7.18
CA PHE A 11 11.33 7.70 -7.80
C PHE A 11 11.40 7.42 -9.29
N SER A 12 10.44 6.66 -9.79
CA SER A 12 10.38 6.34 -11.22
C SER A 12 9.37 7.31 -11.87
N PRO A 13 9.41 7.47 -13.20
CA PRO A 13 8.46 8.37 -13.89
C PRO A 13 7.00 7.88 -13.85
N ASP A 14 6.81 6.58 -13.62
CA ASP A 14 5.46 6.03 -13.55
C ASP A 14 5.26 5.41 -12.17
N GLN A 15 5.44 6.23 -11.13
CA GLN A 15 5.30 5.80 -9.76
C GLN A 15 3.80 5.56 -9.48
N GLN A 16 3.30 4.39 -9.79
CA GLN A 16 1.89 4.10 -9.60
C GLN A 16 1.37 3.85 -8.20
N ASN A 17 2.25 3.78 -7.21
CA ASN A 17 1.76 3.60 -5.84
C ASN A 17 1.58 4.94 -5.07
N LEU A 18 1.64 6.04 -5.82
CA LEU A 18 1.44 7.38 -5.29
C LEU A 18 0.27 8.01 -6.03
N ILE A 19 -0.42 8.93 -5.36
CA ILE A 19 -1.54 9.66 -5.94
C ILE A 19 -1.10 11.11 -5.96
N PHE A 20 -0.99 11.67 -7.16
CA PHE A 20 -0.55 13.03 -7.40
C PHE A 20 -1.71 14.01 -7.51
N GLN A 21 -1.54 15.18 -6.91
CA GLN A 21 -2.54 16.23 -6.94
C GLN A 21 -1.78 17.50 -7.26
N GLY A 22 -2.43 18.41 -7.98
CA GLY A 22 -1.79 19.65 -8.34
C GLY A 22 -0.63 19.44 -9.29
N ASP A 23 0.44 20.19 -9.10
CA ASP A 23 1.63 20.12 -9.95
C ASP A 23 2.57 18.97 -9.61
N GLY A 24 2.20 18.16 -8.63
CA GLY A 24 3.05 17.06 -8.23
C GLY A 24 3.26 15.99 -9.26
N TYR A 25 4.53 15.59 -9.45
CA TYR A 25 4.92 14.54 -10.39
C TYR A 25 6.35 13.99 -10.14
N THR A 26 6.69 12.87 -10.77
CA THR A 26 8.01 12.27 -10.63
C THR A 26 8.88 12.49 -11.86
N THR A 27 10.18 12.70 -11.62
CA THR A 27 11.14 13.00 -12.69
C THR A 27 12.59 12.95 -12.20
N LYS A 28 13.46 12.28 -12.95
CA LYS A 28 14.89 12.20 -12.61
C LYS A 28 15.18 11.61 -11.23
N GLU A 29 14.44 10.57 -10.89
CA GLU A 29 14.59 9.91 -9.59
C GLU A 29 14.04 10.73 -8.42
N LYS A 30 13.49 11.91 -8.70
CA LYS A 30 12.95 12.74 -7.65
C LYS A 30 11.44 13.01 -7.78
N LEU A 31 10.79 13.18 -6.64
CA LEU A 31 9.36 13.51 -6.58
C LEU A 31 9.30 15.05 -6.50
N THR A 32 8.73 15.68 -7.52
CA THR A 32 8.61 17.13 -7.54
C THR A 32 7.20 17.57 -7.12
N LEU A 33 7.12 18.39 -6.06
CA LEU A 33 5.84 18.88 -5.56
C LEU A 33 5.46 20.20 -6.25
N THR A 34 6.43 21.09 -6.41
CA THR A 34 6.21 22.36 -7.09
C THR A 34 7.53 22.75 -7.75
N LYS A 35 7.44 23.46 -8.87
CA LYS A 35 8.60 23.99 -9.56
C LYS A 35 8.76 25.41 -8.96
N ALA A 36 9.78 26.14 -9.37
CA ALA A 36 10.01 27.49 -8.87
C ALA A 36 9.07 28.46 -9.60
N VAL A 37 7.77 28.36 -9.34
CA VAL A 37 6.82 29.24 -9.99
C VAL A 37 5.76 29.76 -9.01
N LYS A 38 5.25 30.94 -9.30
CA LYS A 38 4.26 31.59 -8.47
C LYS A 38 2.90 30.91 -8.44
N ASN A 39 2.27 30.99 -7.29
CA ASN A 39 0.92 30.45 -7.05
C ASN A 39 0.58 29.00 -7.42
N THR A 40 1.43 28.04 -7.09
CA THR A 40 1.14 26.63 -7.37
C THR A 40 1.01 25.79 -6.11
N VAL A 41 0.55 24.57 -6.30
CA VAL A 41 0.39 23.61 -5.22
C VAL A 41 0.71 22.22 -5.80
N GLY A 42 1.36 21.39 -5.00
CA GLY A 42 1.70 20.05 -5.43
C GLY A 42 1.53 19.13 -4.26
N ARG A 43 0.92 17.97 -4.48
CA ARG A 43 0.66 17.03 -3.40
C ARG A 43 0.88 15.61 -3.92
N ALA A 44 1.31 14.71 -3.06
CA ALA A 44 1.55 13.33 -3.43
C ALA A 44 1.11 12.53 -2.24
N LEU A 45 0.28 11.52 -2.49
CA LEU A 45 -0.28 10.67 -1.45
C LEU A 45 0.13 9.24 -1.71
N TYR A 46 0.37 8.45 -0.67
CA TYR A 46 0.68 7.04 -0.89
C TYR A 46 -0.70 6.44 -1.20
N SER A 47 -0.76 5.53 -2.17
CA SER A 47 -2.05 4.98 -2.57
C SER A 47 -2.87 4.24 -1.53
N SER A 48 -2.24 3.45 -0.70
CA SER A 48 -3.03 2.72 0.27
C SER A 48 -3.43 3.44 1.56
N PRO A 49 -4.72 3.33 1.96
CA PRO A 49 -5.18 3.94 3.19
C PRO A 49 -4.47 3.18 4.30
N ILE A 50 -4.19 3.88 5.40
CA ILE A 50 -3.49 3.29 6.54
C ILE A 50 -4.46 3.16 7.69
N HIS A 51 -4.34 2.09 8.47
CA HIS A 51 -5.20 1.93 9.61
C HIS A 51 -4.47 2.57 10.80
N ILE A 52 -4.75 3.85 11.03
CA ILE A 52 -4.11 4.62 12.08
C ILE A 52 -4.61 4.33 13.51
N TRP A 53 -5.89 4.02 13.66
CA TRP A 53 -6.42 3.62 14.97
C TRP A 53 -7.55 2.63 14.84
N ASP A 54 -7.79 1.91 15.92
CA ASP A 54 -8.78 0.87 15.94
C ASP A 54 -10.00 1.26 16.74
N ARG A 55 -11.13 1.34 16.05
CA ARG A 55 -12.41 1.68 16.65
C ARG A 55 -12.78 0.67 17.74
N GLU A 56 -12.56 -0.61 17.45
CA GLU A 56 -12.92 -1.69 18.35
C GLU A 56 -12.15 -1.81 19.65
N THR A 57 -10.84 -1.59 19.61
CA THR A 57 -10.03 -1.69 20.82
C THR A 57 -9.63 -0.32 21.29
N GLY A 58 -9.72 0.65 20.40
CA GLY A 58 -9.32 2.00 20.75
C GLY A 58 -7.81 2.13 20.65
N ASN A 59 -7.16 1.16 20.03
CA ASN A 59 -5.72 1.21 19.85
C ASN A 59 -5.33 2.25 18.80
N VAL A 60 -4.15 2.85 18.97
CA VAL A 60 -3.59 3.84 18.07
C VAL A 60 -2.25 3.27 17.56
N ALA A 61 -2.00 3.43 16.27
CA ALA A 61 -0.78 2.92 15.67
C ALA A 61 0.46 3.72 16.01
N ASN A 62 1.58 3.02 16.08
CA ASN A 62 2.90 3.63 16.30
C ASN A 62 3.35 3.79 14.85
N PHE A 63 4.06 4.86 14.52
CA PHE A 63 4.53 4.99 13.17
C PHE A 63 5.76 5.85 13.07
N VAL A 64 6.50 5.68 11.99
CA VAL A 64 7.68 6.48 11.73
C VAL A 64 7.88 6.59 10.23
N THR A 65 8.16 7.80 9.77
CA THR A 65 8.43 8.01 8.36
C THR A 65 9.75 8.73 8.25
N SER A 66 10.45 8.50 7.14
CA SER A 66 11.73 9.14 6.90
C SER A 66 11.74 9.56 5.47
N PHE A 67 12.26 10.75 5.23
CA PHE A 67 12.36 11.26 3.89
C PHE A 67 13.44 12.30 3.81
N THR A 68 13.98 12.48 2.61
CA THR A 68 15.02 13.44 2.36
C THR A 68 14.36 14.41 1.41
N PHE A 69 14.51 15.70 1.67
CA PHE A 69 13.91 16.69 0.81
C PHE A 69 14.87 17.84 0.57
N VAL A 70 14.61 18.58 -0.50
CA VAL A 70 15.45 19.67 -0.90
C VAL A 70 14.55 20.83 -1.30
N ILE A 71 15.00 22.06 -1.06
CA ILE A 71 14.25 23.24 -1.46
C ILE A 71 15.22 24.09 -2.24
N ASN A 72 14.85 24.40 -3.48
CA ASN A 72 15.68 25.19 -4.38
C ASN A 72 15.00 26.49 -4.73
N ALA A 73 15.47 27.56 -4.11
CA ALA A 73 14.94 28.89 -4.36
C ALA A 73 15.96 29.64 -5.21
N PRO A 74 15.50 30.27 -6.29
CA PRO A 74 16.40 31.03 -7.19
C PRO A 74 17.05 32.20 -6.42
N ASN A 75 16.32 32.75 -5.45
CA ASN A 75 16.86 33.82 -4.60
C ASN A 75 16.75 33.36 -3.16
N SER A 76 17.91 33.11 -2.57
CA SER A 76 18.01 32.64 -1.19
C SER A 76 17.31 33.53 -0.17
N TYR A 77 16.91 34.73 -0.57
CA TYR A 77 16.28 35.67 0.35
C TYR A 77 14.76 35.71 0.30
N ASN A 78 14.22 35.38 -0.87
CA ASN A 78 12.79 35.37 -1.08
C ASN A 78 12.35 33.93 -1.36
N VAL A 79 11.88 33.27 -0.30
CA VAL A 79 11.45 31.88 -0.40
C VAL A 79 10.06 31.75 0.18
N ALA A 80 9.21 30.99 -0.50
CA ALA A 80 7.86 30.75 -0.05
C ALA A 80 7.34 29.54 -0.84
N ASP A 81 6.44 28.75 -0.29
CA ASP A 81 5.86 28.92 1.04
C ASP A 81 6.24 27.83 2.04
N GLY A 82 6.60 26.66 1.53
CA GLY A 82 6.94 25.59 2.44
C GLY A 82 6.57 24.22 1.90
N PHE A 83 6.78 23.22 2.74
CA PHE A 83 6.57 21.82 2.41
C PHE A 83 5.99 21.21 3.67
N THR A 84 5.18 20.17 3.56
CA THR A 84 4.63 19.52 4.76
C THR A 84 4.47 18.02 4.54
N PHE A 85 4.39 17.29 5.65
CA PHE A 85 4.10 15.87 5.67
C PHE A 85 2.74 15.93 6.36
N PHE A 86 1.72 15.25 5.85
CA PHE A 86 0.42 15.34 6.50
C PHE A 86 -0.31 14.01 6.54
N ILE A 87 -1.17 13.88 7.55
CA ILE A 87 -2.03 12.71 7.78
C ILE A 87 -3.43 13.29 7.64
N ALA A 88 -4.25 12.76 6.72
CA ALA A 88 -5.61 13.27 6.47
C ALA A 88 -6.63 12.19 6.06
N PRO A 89 -7.91 12.56 5.93
CA PRO A 89 -8.88 11.52 5.53
C PRO A 89 -8.52 10.91 4.15
N VAL A 90 -8.98 9.71 3.86
CA VAL A 90 -8.64 9.07 2.59
C VAL A 90 -8.95 9.87 1.34
N ASP A 91 -10.09 10.56 1.34
CA ASP A 91 -10.54 11.32 0.19
C ASP A 91 -10.01 12.75 0.09
N THR A 92 -9.01 13.04 0.91
CA THR A 92 -8.38 14.35 0.95
C THR A 92 -7.98 14.93 -0.42
N LYS A 93 -8.18 16.25 -0.55
CA LYS A 93 -7.86 16.99 -1.75
C LYS A 93 -7.19 18.29 -1.28
N PRO A 94 -6.46 18.97 -2.18
CA PRO A 94 -5.77 20.22 -1.85
C PRO A 94 -6.72 21.24 -1.24
N GLN A 95 -6.24 21.93 -0.22
CA GLN A 95 -7.02 22.95 0.43
C GLN A 95 -6.44 24.28 -0.03
N THR A 96 -6.51 25.32 0.79
CA THR A 96 -5.98 26.63 0.38
C THR A 96 -4.47 26.58 0.09
N GLY A 97 -4.06 27.28 -0.97
CA GLY A 97 -2.66 27.30 -1.37
C GLY A 97 -1.89 28.39 -0.63
N GLY A 98 -0.76 28.79 -1.21
CA GLY A 98 0.04 29.82 -0.58
C GLY A 98 0.39 29.49 0.86
N GLY A 99 0.27 30.51 1.73
CA GLY A 99 0.62 30.35 3.13
C GLY A 99 -0.09 29.24 3.85
N TYR A 100 -1.20 28.76 3.29
CA TYR A 100 -1.95 27.65 3.88
C TYR A 100 -1.35 26.28 3.55
N LEU A 101 -0.35 26.29 2.66
CA LEU A 101 0.41 25.11 2.28
C LEU A 101 -0.38 23.98 1.64
N GLY A 102 -1.55 24.29 1.11
CA GLY A 102 -2.40 23.29 0.50
C GLY A 102 -3.04 22.29 1.43
N VAL A 103 -2.93 22.48 2.75
CA VAL A 103 -3.51 21.52 3.69
C VAL A 103 -4.59 22.06 4.67
N PHE A 104 -4.65 23.36 4.85
CA PHE A 104 -5.60 23.93 5.79
C PHE A 104 -6.27 25.10 5.13
N ASN A 105 -7.28 25.63 5.82
CA ASN A 105 -8.07 26.75 5.31
C ASN A 105 -8.24 27.93 6.29
N SER A 106 -7.79 27.79 7.54
CA SER A 106 -7.90 28.87 8.52
C SER A 106 -6.89 28.80 9.64
N ALA A 107 -6.70 29.92 10.33
CA ALA A 107 -5.78 30.01 11.46
C ALA A 107 -6.56 29.61 12.70
N GLU A 108 -7.86 29.38 12.52
CA GLU A 108 -8.75 28.95 13.59
C GLU A 108 -8.86 27.44 13.55
N TYR A 109 -8.96 26.82 14.73
CA TYR A 109 -9.08 25.38 14.86
C TYR A 109 -10.34 24.93 14.16
N ASP A 110 -10.19 24.03 13.20
CA ASP A 110 -11.31 23.53 12.47
C ASP A 110 -11.30 22.02 12.54
N LYS A 111 -12.08 21.48 13.45
CA LYS A 111 -12.16 20.05 13.64
C LYS A 111 -12.57 19.30 12.37
N THR A 112 -13.33 19.96 11.50
CA THR A 112 -13.79 19.29 10.30
C THR A 112 -12.69 18.94 9.30
N THR A 113 -11.54 19.60 9.40
CA THR A 113 -10.41 19.36 8.49
C THR A 113 -9.79 17.98 8.75
N GLN A 114 -9.83 17.53 10.01
CA GLN A 114 -9.25 16.25 10.41
C GLN A 114 -7.91 16.05 9.75
N THR A 115 -6.96 16.92 10.06
CA THR A 115 -5.64 16.84 9.47
C THR A 115 -4.57 17.28 10.44
N VAL A 116 -3.49 16.51 10.49
CA VAL A 116 -2.32 16.81 11.31
C VAL A 116 -1.19 16.98 10.30
N ALA A 117 -0.45 18.06 10.38
CA ALA A 117 0.65 18.27 9.45
C ALA A 117 1.89 18.75 10.20
N VAL A 118 3.05 18.41 9.66
CA VAL A 118 4.34 18.79 10.23
C VAL A 118 4.86 19.68 9.13
N GLU A 119 4.93 20.98 9.38
CA GLU A 119 5.37 21.94 8.38
C GLU A 119 6.81 22.41 8.42
N PHE A 120 7.30 22.80 7.24
CA PHE A 120 8.64 23.34 7.03
C PHE A 120 8.24 24.61 6.32
N ASP A 121 7.95 25.61 7.13
CA ASP A 121 7.46 26.88 6.69
C ASP A 121 8.58 27.85 6.39
N THR A 122 8.66 28.29 5.15
CA THR A 122 9.72 29.20 4.71
C THR A 122 9.35 30.68 4.54
N PHE A 123 8.12 31.04 4.84
CA PHE A 123 7.68 32.42 4.65
C PHE A 123 6.81 32.87 5.80
N TYR A 124 7.14 34.05 6.32
CA TYR A 124 6.44 34.63 7.46
C TYR A 124 5.08 35.21 7.10
N ASN A 125 4.01 34.62 7.64
CA ASN A 125 2.65 35.12 7.40
C ASN A 125 2.29 35.75 8.72
N ALA A 126 2.33 37.08 8.74
CA ALA A 126 2.07 37.86 9.95
C ALA A 126 0.83 37.51 10.74
N ALA A 127 -0.22 37.08 10.05
CA ALA A 127 -1.47 36.77 10.72
C ALA A 127 -1.41 35.58 11.65
N TRP A 128 -0.42 34.70 11.49
CA TRP A 128 -0.35 33.51 12.36
C TRP A 128 1.04 32.93 12.66
N ASP A 129 2.05 33.25 11.85
CA ASP A 129 3.37 32.68 12.07
C ASP A 129 4.09 33.34 13.26
N PRO A 130 5.15 32.68 13.78
CA PRO A 130 5.93 33.20 14.92
C PRO A 130 6.42 34.65 14.68
N SER A 131 6.23 35.49 15.70
CA SER A 131 6.64 36.92 15.68
C SER A 131 8.10 37.21 15.30
N ASN A 132 9.00 36.30 15.68
CA ASN A 132 10.42 36.44 15.37
C ASN A 132 10.70 36.47 13.87
N ARG A 133 9.69 36.14 13.08
CA ARG A 133 9.77 36.10 11.63
C ARG A 133 10.71 35.02 11.06
N ASP A 134 11.11 34.08 11.91
CA ASP A 134 12.00 33.01 11.51
C ASP A 134 11.28 31.90 10.76
N ARG A 135 12.01 31.23 9.88
CA ARG A 135 11.49 30.08 9.15
C ARG A 135 11.48 29.08 10.28
N HIS A 136 10.59 28.12 10.20
CA HIS A 136 10.46 27.20 11.31
C HIS A 136 9.86 25.85 10.92
N ILE A 137 9.95 24.92 11.86
CA ILE A 137 9.39 23.59 11.76
C ILE A 137 8.20 23.77 12.71
N GLY A 138 7.06 23.19 12.39
CA GLY A 138 5.92 23.32 13.27
C GLY A 138 5.00 22.14 13.18
N ILE A 139 4.25 21.93 14.24
CA ILE A 139 3.29 20.86 14.27
C ILE A 139 1.92 21.49 14.22
N ASP A 140 1.16 21.17 13.17
CA ASP A 140 -0.18 21.71 12.96
C ASP A 140 -1.27 20.68 13.20
N VAL A 141 -2.34 21.09 13.86
CA VAL A 141 -3.46 20.23 14.14
C VAL A 141 -4.72 21.03 13.83
N ASN A 142 -5.33 20.72 12.69
CA ASN A 142 -6.56 21.38 12.25
C ASN A 142 -6.52 22.90 12.14
N SER A 143 -5.33 23.45 11.87
CA SER A 143 -5.15 24.90 11.76
C SER A 143 -3.75 25.17 11.23
N ILE A 144 -3.58 26.26 10.50
CA ILE A 144 -2.26 26.61 9.95
C ILE A 144 -1.39 27.29 11.02
N LYS A 145 -2.00 27.62 12.16
CA LYS A 145 -1.25 28.24 13.25
C LYS A 145 -0.78 27.08 14.09
N SER A 146 0.51 26.75 13.98
CA SER A 146 1.12 25.62 14.68
C SER A 146 0.90 25.58 16.19
N VAL A 147 0.85 24.39 16.75
CA VAL A 147 0.69 24.23 18.19
C VAL A 147 2.04 24.45 18.87
N ASN A 148 3.12 24.23 18.13
CA ASN A 148 4.49 24.37 18.61
C ASN A 148 5.36 24.54 17.37
N THR A 149 6.40 25.35 17.44
CA THR A 149 7.29 25.59 16.30
C THR A 149 8.72 25.65 16.80
N LYS A 150 9.69 25.63 15.87
CA LYS A 150 11.11 25.68 16.19
C LYS A 150 11.84 26.37 15.04
N SER A 151 12.61 27.41 15.37
CA SER A 151 13.32 28.11 14.33
C SER A 151 14.21 27.14 13.57
N TRP A 152 14.48 27.45 12.32
CA TRP A 152 15.24 26.56 11.48
C TRP A 152 15.84 27.41 10.38
N LYS A 153 17.14 27.26 10.17
CA LYS A 153 17.79 28.01 9.11
C LYS A 153 17.80 27.11 7.89
N LEU A 154 17.15 27.59 6.84
CA LEU A 154 17.07 26.87 5.60
C LEU A 154 18.36 26.98 4.85
N GLN A 155 18.86 25.81 4.44
CA GLN A 155 20.07 25.76 3.66
C GLN A 155 19.57 25.49 2.26
N ASN A 156 19.48 26.56 1.49
CA ASN A 156 19.00 26.52 0.13
C ASN A 156 19.81 25.54 -0.70
N GLY A 157 19.14 24.59 -1.35
CA GLY A 157 19.80 23.62 -2.20
C GLY A 157 20.40 22.40 -1.53
N GLU A 158 20.34 22.35 -0.20
CA GLU A 158 20.88 21.24 0.57
C GLU A 158 19.80 20.23 0.87
N GLU A 159 20.18 18.95 0.98
CA GLU A 159 19.20 17.93 1.29
C GLU A 159 19.10 17.74 2.77
N ALA A 160 17.87 17.62 3.26
CA ALA A 160 17.62 17.44 4.68
C ALA A 160 16.97 16.10 4.91
N ASN A 161 17.43 15.40 5.93
CA ASN A 161 16.88 14.09 6.28
C ASN A 161 15.93 14.37 7.42
N VAL A 162 14.72 13.88 7.28
CA VAL A 162 13.71 14.10 8.29
C VAL A 162 13.19 12.78 8.80
N VAL A 163 13.01 12.68 10.11
CA VAL A 163 12.43 11.49 10.72
C VAL A 163 11.31 12.01 11.56
N ILE A 164 10.12 11.45 11.36
CA ILE A 164 8.97 11.83 12.13
C ILE A 164 8.48 10.54 12.75
N ALA A 165 8.43 10.48 14.07
CA ALA A 165 7.94 9.31 14.76
C ALA A 165 6.79 9.69 15.66
N PHE A 166 5.87 8.75 15.89
CA PHE A 166 4.74 8.95 16.80
C PHE A 166 4.65 7.74 17.74
N ASN A 167 4.67 8.00 19.05
CA ASN A 167 4.58 6.93 20.02
C ASN A 167 3.16 6.85 20.53
N ALA A 168 2.50 5.75 20.22
CA ALA A 168 1.12 5.53 20.64
C ALA A 168 0.88 5.54 22.13
N ALA A 169 1.85 5.08 22.91
CA ALA A 169 1.69 5.04 24.35
C ALA A 169 1.72 6.41 25.01
N THR A 170 2.47 7.34 24.44
CA THR A 170 2.58 8.67 25.03
C THR A 170 1.88 9.77 24.25
N ASN A 171 1.49 9.46 23.02
CA ASN A 171 0.85 10.42 22.12
C ASN A 171 1.77 11.55 21.75
N VAL A 172 3.07 11.25 21.75
CA VAL A 172 4.06 12.23 21.40
C VAL A 172 4.49 12.07 19.96
N LEU A 173 4.49 13.17 19.23
CA LEU A 173 4.89 13.19 17.84
C LEU A 173 6.21 13.93 17.87
N THR A 174 7.26 13.30 17.37
CA THR A 174 8.56 13.93 17.37
C THR A 174 9.01 14.16 15.93
N VAL A 175 9.71 15.26 15.70
CA VAL A 175 10.22 15.57 14.38
C VAL A 175 11.70 15.88 14.50
N SER A 176 12.49 15.45 13.53
CA SER A 176 13.93 15.75 13.50
C SER A 176 14.39 16.05 12.08
N LEU A 177 15.11 17.15 11.93
CA LEU A 177 15.62 17.54 10.62
C LEU A 177 17.12 17.65 10.77
N THR A 178 17.87 17.01 9.89
CA THR A 178 19.32 17.06 9.97
C THR A 178 19.92 17.43 8.62
N TYR A 179 20.89 18.34 8.64
CA TYR A 179 21.63 18.76 7.45
C TYR A 179 23.00 18.17 7.70
N PRO A 180 23.76 17.90 6.64
CA PRO A 180 25.10 17.32 6.75
C PRO A 180 26.12 18.31 7.33
N ASN A 181 26.00 19.57 6.94
CA ASN A 181 26.88 20.62 7.41
C ASN A 181 26.08 21.57 8.27
N VAL A 188 27.15 19.08 10.52
CA VAL A 188 25.95 18.34 10.99
C VAL A 188 25.14 19.28 11.87
N THR A 189 24.03 19.78 11.33
CA THR A 189 23.13 20.69 12.04
C THR A 189 21.76 20.02 12.13
N SER A 190 21.28 19.82 13.35
CA SER A 190 20.00 19.15 13.58
C SER A 190 19.01 19.99 14.37
N TYR A 191 17.72 19.76 14.13
CA TYR A 191 16.64 20.47 14.82
C TYR A 191 15.62 19.42 15.22
N THR A 192 15.10 19.51 16.43
CA THR A 192 14.10 18.55 16.86
C THR A 192 12.97 19.32 17.51
N LEU A 193 11.78 18.75 17.41
CA LEU A 193 10.58 19.38 17.96
C LEU A 193 9.62 18.26 18.32
N SER A 194 9.00 18.35 19.50
CA SER A 194 8.04 17.34 19.97
C SER A 194 6.79 18.01 20.53
N ASP A 195 5.70 17.26 20.59
CA ASP A 195 4.44 17.73 21.18
C ASP A 195 3.51 16.55 21.24
N VAL A 196 2.53 16.61 22.12
CA VAL A 196 1.56 15.55 22.30
C VAL A 196 0.38 15.79 21.38
N VAL A 197 0.14 14.85 20.48
CA VAL A 197 -0.98 14.98 19.56
C VAL A 197 -1.90 13.81 19.92
N SER A 198 -3.18 14.08 20.07
CA SER A 198 -4.11 13.01 20.38
C SER A 198 -4.78 12.58 19.07
N LEU A 199 -4.05 11.76 18.31
CA LEU A 199 -4.48 11.25 17.01
C LEU A 199 -5.92 10.77 16.94
N LYS A 200 -6.26 9.86 17.85
CA LYS A 200 -7.60 9.29 17.91
C LYS A 200 -8.76 10.30 17.92
N ASP A 201 -8.49 11.54 18.28
CA ASP A 201 -9.53 12.56 18.34
C ASP A 201 -9.45 13.60 17.24
N VAL A 202 -8.51 13.45 16.31
CA VAL A 202 -8.35 14.43 15.24
C VAL A 202 -8.58 13.85 13.84
N VAL A 203 -8.00 12.68 13.59
CA VAL A 203 -8.10 12.07 12.28
C VAL A 203 -8.96 10.82 12.33
N PRO A 204 -9.59 10.47 11.19
CA PRO A 204 -10.44 9.28 11.09
C PRO A 204 -9.59 8.01 11.27
N GLU A 205 -10.21 6.85 11.48
CA GLU A 205 -9.38 5.66 11.70
C GLU A 205 -8.61 5.12 10.51
N TRP A 206 -9.00 5.55 9.32
CA TRP A 206 -8.34 5.17 8.09
C TRP A 206 -7.90 6.49 7.49
N VAL A 207 -6.64 6.62 7.15
CA VAL A 207 -6.14 7.87 6.62
C VAL A 207 -5.23 7.65 5.43
N ARG A 208 -4.85 8.74 4.78
CA ARG A 208 -3.89 8.70 3.69
C ARG A 208 -2.80 9.68 4.11
N ILE A 209 -1.57 9.37 3.78
CA ILE A 209 -0.46 10.23 4.18
C ILE A 209 0.21 10.75 2.91
N GLY A 210 0.80 11.93 2.97
CA GLY A 210 1.42 12.46 1.78
C GLY A 210 2.28 13.65 2.05
N PHE A 211 2.65 14.34 0.98
CA PHE A 211 3.48 15.53 1.08
C PHE A 211 2.71 16.64 0.43
N SER A 212 3.00 17.88 0.80
CA SER A 212 2.31 19.01 0.21
C SER A 212 3.26 20.18 0.16
N ALA A 213 3.28 20.92 -0.94
CA ALA A 213 4.14 22.09 -1.03
C ALA A 213 3.43 23.14 -1.85
N THR A 214 3.57 24.40 -1.46
CA THR A 214 2.92 25.51 -2.17
C THR A 214 3.85 26.70 -2.38
N THR A 215 3.43 27.58 -3.27
CA THR A 215 4.14 28.82 -3.55
C THR A 215 3.01 29.87 -3.58
N GLY A 216 3.39 31.14 -3.64
CA GLY A 216 2.41 32.20 -3.71
C GLY A 216 3.05 33.24 -4.58
N ALA A 217 3.25 34.43 -4.00
CA ALA A 217 3.88 35.55 -4.68
C ALA A 217 5.38 35.29 -4.68
N GLU A 218 5.85 34.56 -3.67
CA GLU A 218 7.25 34.17 -3.55
C GLU A 218 7.27 32.67 -3.89
N TYR A 219 8.40 32.14 -4.30
CA TYR A 219 8.41 30.75 -4.67
C TYR A 219 9.76 30.04 -4.58
N ALA A 220 9.71 28.74 -4.87
CA ALA A 220 10.86 27.85 -4.83
C ALA A 220 10.40 26.47 -5.28
N ALA A 221 11.37 25.64 -5.67
CA ALA A 221 11.13 24.25 -6.09
C ALA A 221 11.20 23.39 -4.83
N HIS A 222 10.22 22.53 -4.62
CA HIS A 222 10.16 21.66 -3.45
C HIS A 222 10.27 20.24 -3.97
N GLU A 223 11.23 19.46 -3.46
CA GLU A 223 11.45 18.10 -3.94
C GLU A 223 11.75 17.07 -2.86
N VAL A 224 11.33 15.83 -3.11
CA VAL A 224 11.56 14.72 -2.19
C VAL A 224 12.39 13.73 -2.99
N LEU A 225 13.45 13.19 -2.38
CA LEU A 225 14.32 12.26 -3.06
C LEU A 225 14.19 10.80 -2.60
N SER A 226 13.60 10.58 -1.43
CA SER A 226 13.44 9.22 -0.91
C SER A 226 12.36 9.30 0.15
N TRP A 227 11.74 8.17 0.45
CA TRP A 227 10.67 8.13 1.43
C TRP A 227 10.40 6.74 1.95
N SER A 228 10.37 6.58 3.26
CA SER A 228 10.00 5.31 3.86
C SER A 228 8.92 5.61 4.88
N PHE A 229 8.14 4.59 5.18
CA PHE A 229 7.08 4.70 6.15
C PHE A 229 6.86 3.31 6.73
N HIS A 230 6.49 3.27 8.00
CA HIS A 230 6.24 2.03 8.67
C HIS A 230 5.26 2.29 9.80
N SER A 231 4.16 1.54 9.82
CA SER A 231 3.19 1.72 10.87
C SER A 231 2.83 0.35 11.46
N GLU A 232 2.41 0.36 12.72
CA GLU A 232 2.03 -0.86 13.38
C GLU A 232 0.87 -0.61 14.33
N LEU A 233 -0.25 -1.25 14.06
CA LEU A 233 -1.45 -1.12 14.90
C LEU A 233 -1.68 -2.50 15.50
N SER A 234 -1.62 -2.60 16.82
CA SER A 234 -1.81 -3.90 17.46
C SER A 234 -3.27 -4.24 17.77
N THR B 1 15.98 1.15 -4.79
CA THR B 1 15.23 0.11 -4.05
C THR B 1 13.80 0.56 -3.80
N GLU B 2 12.86 -0.38 -3.87
CA GLU B 2 11.45 -0.13 -3.62
C GLU B 2 10.95 -1.36 -2.92
N THR B 3 10.38 -1.20 -1.73
CA THR B 3 9.87 -2.34 -1.01
C THR B 3 8.46 -2.04 -0.55
N THR B 4 7.62 -3.07 -0.49
CA THR B 4 6.25 -2.92 -0.04
C THR B 4 5.94 -4.08 0.85
N SER B 5 5.45 -3.81 2.06
CA SER B 5 5.08 -4.87 2.98
C SER B 5 3.75 -4.54 3.61
N PHE B 6 3.08 -5.58 4.08
CA PHE B 6 1.84 -5.41 4.81
C PHE B 6 1.52 -6.72 5.50
N LEU B 7 0.84 -6.64 6.62
CA LEU B 7 0.44 -7.81 7.40
C LEU B 7 -0.92 -7.53 8.00
N ILE B 8 -1.85 -8.46 7.85
CA ILE B 8 -3.18 -8.28 8.46
C ILE B 8 -3.45 -9.61 9.13
N THR B 9 -3.57 -9.62 10.45
CA THR B 9 -3.83 -10.87 11.15
C THR B 9 -5.28 -10.97 11.59
N LYS B 10 -6.04 -9.92 11.33
CA LYS B 10 -7.45 -9.87 11.70
C LYS B 10 -8.05 -8.87 10.74
N PHE B 11 -9.15 -9.26 10.09
CA PHE B 11 -9.83 -8.38 9.14
C PHE B 11 -10.97 -7.62 9.81
N SER B 12 -11.14 -6.37 9.45
CA SER B 12 -12.19 -5.55 10.03
C SER B 12 -13.37 -5.38 9.09
N PRO B 13 -14.57 -5.07 9.63
CA PRO B 13 -15.78 -4.87 8.82
C PRO B 13 -15.53 -3.90 7.69
N ASP B 14 -14.68 -2.91 7.93
CA ASP B 14 -14.37 -1.94 6.90
C ASP B 14 -12.85 -2.01 6.70
N GLN B 15 -12.42 -2.92 5.84
CA GLN B 15 -11.00 -3.07 5.62
C GLN B 15 -10.66 -2.24 4.42
N GLN B 16 -10.43 -0.96 4.65
CA GLN B 16 -10.17 -0.03 3.57
C GLN B 16 -8.93 -0.17 2.74
N ASN B 17 -7.96 -0.97 3.17
CA ASN B 17 -6.78 -1.12 2.36
C ASN B 17 -6.88 -2.27 1.35
N LEU B 18 -8.09 -2.86 1.27
CA LEU B 18 -8.38 -3.95 0.36
C LEU B 18 -9.44 -3.51 -0.68
N ILE B 19 -9.36 -4.02 -1.90
CA ILE B 19 -10.37 -3.72 -2.91
C ILE B 19 -11.15 -5.03 -3.14
N PHE B 20 -12.46 -5.00 -2.93
CA PHE B 20 -13.29 -6.18 -3.08
C PHE B 20 -14.02 -6.19 -4.42
N GLN B 21 -14.21 -7.37 -4.96
CA GLN B 21 -14.90 -7.54 -6.24
C GLN B 21 -15.80 -8.77 -6.11
N GLY B 22 -16.87 -8.84 -6.89
CA GLY B 22 -17.76 -9.98 -6.79
C GLY B 22 -18.38 -9.97 -5.40
N ASP B 23 -18.49 -11.12 -4.76
CA ASP B 23 -19.09 -11.23 -3.43
C ASP B 23 -18.12 -11.19 -2.25
N GLY B 24 -16.88 -10.77 -2.51
CA GLY B 24 -15.89 -10.72 -1.43
C GLY B 24 -16.18 -9.64 -0.41
N TYR B 25 -16.14 -10.01 0.87
CA TYR B 25 -16.35 -9.08 1.97
C TYR B 25 -15.70 -9.62 3.27
N THR B 26 -15.56 -8.78 4.28
CA THR B 26 -15.00 -9.22 5.55
C THR B 26 -16.10 -9.30 6.61
N THR B 27 -16.11 -10.38 7.37
CA THR B 27 -17.11 -10.59 8.41
C THR B 27 -16.49 -11.56 9.41
N LYS B 28 -16.90 -11.48 10.67
CA LYS B 28 -16.39 -12.34 11.74
C LYS B 28 -14.84 -12.36 11.83
N GLU B 29 -14.21 -11.27 11.41
CA GLU B 29 -12.76 -11.12 11.41
C GLU B 29 -11.99 -11.84 10.28
N LYS B 30 -12.72 -12.47 9.38
CA LYS B 30 -12.12 -13.18 8.27
C LYS B 30 -12.55 -12.52 6.97
N LEU B 31 -11.79 -12.80 5.91
CA LEU B 31 -12.09 -12.29 4.59
C LEU B 31 -12.84 -13.43 3.91
N THR B 32 -14.09 -13.17 3.55
CA THR B 32 -14.92 -14.16 2.88
C THR B 32 -14.94 -13.88 1.38
N LEU B 33 -14.48 -14.85 0.60
CA LEU B 33 -14.46 -14.71 -0.84
C LEU B 33 -15.80 -15.16 -1.43
N THR B 34 -16.29 -16.34 -1.05
CA THR B 34 -17.59 -16.86 -1.50
C THR B 34 -18.28 -17.57 -0.33
N LYS B 35 -19.61 -17.57 -0.33
CA LYS B 35 -20.32 -18.30 0.70
C LYS B 35 -20.60 -19.65 0.01
N ALA B 36 -21.24 -20.57 0.71
CA ALA B 36 -21.55 -21.89 0.14
C ALA B 36 -22.81 -21.83 -0.76
N VAL B 37 -22.70 -21.09 -1.85
CA VAL B 37 -23.81 -20.95 -2.79
C VAL B 37 -23.29 -21.28 -4.18
N LYS B 38 -24.20 -21.57 -5.09
CA LYS B 38 -23.81 -21.91 -6.45
C LYS B 38 -23.48 -20.71 -7.31
N ASN B 39 -22.61 -20.95 -8.28
CA ASN B 39 -22.17 -19.95 -9.24
C ASN B 39 -21.84 -18.51 -8.80
N THR B 40 -20.86 -18.36 -7.90
CA THR B 40 -20.43 -17.05 -7.46
C THR B 40 -18.93 -16.90 -7.68
N VAL B 41 -18.46 -15.66 -7.54
CA VAL B 41 -17.04 -15.32 -7.63
C VAL B 41 -16.79 -14.27 -6.57
N GLY B 42 -15.61 -14.29 -5.95
CA GLY B 42 -15.28 -13.28 -4.96
C GLY B 42 -13.80 -13.04 -5.05
N ARG B 43 -13.38 -11.77 -5.07
CA ARG B 43 -11.97 -11.42 -5.12
C ARG B 43 -11.66 -10.30 -4.12
N ALA B 44 -10.41 -10.24 -3.72
CA ALA B 44 -9.94 -9.21 -2.80
C ALA B 44 -8.51 -8.88 -3.24
N LEU B 45 -8.24 -7.60 -3.49
CA LEU B 45 -6.92 -7.13 -3.93
C LEU B 45 -6.33 -6.18 -2.88
N TYR B 46 -5.02 -6.02 -2.87
CA TYR B 46 -4.41 -5.06 -1.95
C TYR B 46 -4.52 -3.74 -2.72
N SER B 47 -5.04 -2.70 -2.08
CA SER B 47 -5.22 -1.41 -2.74
C SER B 47 -4.01 -0.85 -3.52
N SER B 48 -2.84 -0.89 -2.91
CA SER B 48 -1.69 -0.33 -3.60
C SER B 48 -1.03 -1.16 -4.70
N PRO B 49 -0.78 -0.56 -5.88
CA PRO B 49 -0.12 -1.28 -6.96
C PRO B 49 1.31 -1.62 -6.44
N ILE B 50 1.87 -2.74 -6.90
CA ILE B 50 3.21 -3.20 -6.49
C ILE B 50 4.17 -3.09 -7.68
N HIS B 51 5.41 -2.66 -7.44
CA HIS B 51 6.39 -2.57 -8.54
C HIS B 51 7.09 -3.94 -8.56
N ILE B 52 6.71 -4.78 -9.53
CA ILE B 52 7.22 -6.15 -9.63
C ILE B 52 8.47 -6.34 -10.46
N TRP B 53 8.73 -5.43 -11.39
CA TRP B 53 9.95 -5.48 -12.18
C TRP B 53 10.16 -4.12 -12.80
N ASP B 54 11.39 -3.83 -13.19
CA ASP B 54 11.76 -2.52 -13.76
C ASP B 54 12.42 -2.62 -15.13
N ARG B 55 11.80 -2.01 -16.13
CA ARG B 55 12.31 -2.03 -17.51
C ARG B 55 13.70 -1.42 -17.73
N GLU B 56 13.95 -0.24 -17.18
CA GLU B 56 15.25 0.39 -17.37
C GLU B 56 16.45 -0.37 -16.79
N THR B 57 16.25 -1.08 -15.68
CA THR B 57 17.37 -1.84 -15.10
C THR B 57 17.28 -3.29 -15.51
N GLY B 58 16.04 -3.75 -15.70
CA GLY B 58 15.79 -5.14 -16.06
C GLY B 58 15.56 -5.96 -14.80
N ASN B 59 15.72 -5.32 -13.63
CA ASN B 59 15.54 -5.96 -12.34
C ASN B 59 14.12 -6.43 -12.08
N VAL B 60 13.99 -7.57 -11.43
CA VAL B 60 12.72 -8.18 -11.07
C VAL B 60 12.80 -8.30 -9.55
N ALA B 61 11.66 -8.26 -8.89
CA ALA B 61 11.61 -8.31 -7.42
C ALA B 61 11.42 -9.66 -6.76
N ASN B 62 11.95 -9.76 -5.56
CA ASN B 62 11.77 -10.96 -4.75
C ASN B 62 10.51 -10.69 -3.94
N PHE B 63 9.70 -11.70 -3.69
CA PHE B 63 8.49 -11.54 -2.89
C PHE B 63 8.09 -12.81 -2.20
N VAL B 64 7.43 -12.66 -1.07
CA VAL B 64 6.95 -13.77 -0.25
C VAL B 64 5.60 -13.32 0.27
N THR B 65 4.69 -14.26 0.46
CA THR B 65 3.39 -13.95 1.01
C THR B 65 2.97 -15.15 1.80
N SER B 66 2.39 -14.89 2.96
CA SER B 66 1.92 -15.92 3.86
C SER B 66 0.48 -15.65 4.16
N PHE B 67 -0.33 -16.71 4.13
CA PHE B 67 -1.74 -16.60 4.43
C PHE B 67 -2.31 -17.93 4.93
N THR B 68 -3.40 -17.84 5.68
CA THR B 68 -4.07 -19.02 6.17
C THR B 68 -5.46 -18.98 5.55
N PHE B 69 -5.90 -20.11 4.98
CA PHE B 69 -7.22 -20.14 4.38
C PHE B 69 -7.97 -21.39 4.79
N VAL B 70 -9.29 -21.33 4.66
CA VAL B 70 -10.17 -22.43 5.00
C VAL B 70 -11.23 -22.66 3.91
N ILE B 71 -11.49 -23.91 3.58
CA ILE B 71 -12.53 -24.23 2.60
C ILE B 71 -13.53 -25.06 3.37
N ASN B 72 -14.79 -24.64 3.35
CA ASN B 72 -15.85 -25.37 4.04
C ASN B 72 -16.85 -25.81 3.00
N ALA B 73 -16.90 -27.11 2.75
CA ALA B 73 -17.80 -27.64 1.76
C ALA B 73 -18.88 -28.31 2.58
N PRO B 74 -20.16 -28.06 2.25
CA PRO B 74 -21.31 -28.63 2.95
C PRO B 74 -21.26 -30.15 2.86
N ASN B 75 -20.62 -30.63 1.80
CA ASN B 75 -20.42 -32.05 1.56
C ASN B 75 -19.00 -32.23 1.05
N SER B 76 -18.18 -32.94 1.81
CA SER B 76 -16.78 -33.17 1.46
C SER B 76 -16.56 -33.90 0.14
N TYR B 77 -17.62 -34.45 -0.42
CA TYR B 77 -17.50 -35.18 -1.68
C TYR B 77 -17.75 -34.26 -2.88
N ASN B 78 -18.68 -33.33 -2.73
CA ASN B 78 -19.00 -32.41 -3.82
C ASN B 78 -18.45 -31.02 -3.49
N VAL B 79 -17.30 -30.70 -4.08
CA VAL B 79 -16.61 -29.44 -3.84
C VAL B 79 -16.11 -28.77 -5.11
N ALA B 80 -16.35 -27.48 -5.21
CA ALA B 80 -15.90 -26.67 -6.34
C ALA B 80 -15.98 -25.20 -5.95
N ASP B 81 -15.23 -24.32 -6.62
CA ASP B 81 -14.31 -24.68 -7.70
C ASP B 81 -12.86 -24.59 -7.28
N GLY B 82 -12.55 -23.63 -6.42
CA GLY B 82 -11.17 -23.48 -5.97
C GLY B 82 -10.88 -22.12 -5.40
N PHE B 83 -9.59 -21.86 -5.18
CA PHE B 83 -9.10 -20.63 -4.58
C PHE B 83 -7.76 -20.33 -5.24
N THR B 84 -7.45 -19.06 -5.49
CA THR B 84 -6.17 -18.69 -6.10
C THR B 84 -5.57 -17.47 -5.45
N PHE B 85 -4.25 -17.35 -5.56
CA PHE B 85 -3.55 -16.16 -5.09
C PHE B 85 -3.03 -15.77 -6.45
N PHE B 86 -3.20 -14.51 -6.86
CA PHE B 86 -2.74 -14.12 -8.19
C PHE B 86 -2.08 -12.76 -8.27
N ILE B 87 -1.32 -12.56 -9.35
CA ILE B 87 -0.60 -11.34 -9.69
C ILE B 87 -1.13 -10.96 -11.09
N ALA B 88 -1.66 -9.76 -11.25
CA ALA B 88 -2.23 -9.35 -12.53
C ALA B 88 -2.10 -7.86 -12.75
N PRO B 89 -2.49 -7.35 -13.93
CA PRO B 89 -2.38 -5.91 -14.17
C PRO B 89 -3.19 -5.12 -13.14
N VAL B 90 -2.78 -3.90 -12.90
CA VAL B 90 -3.41 -3.01 -11.94
C VAL B 90 -4.93 -2.88 -12.06
N ASP B 91 -5.42 -2.74 -13.28
CA ASP B 91 -6.85 -2.61 -13.53
C ASP B 91 -7.64 -3.92 -13.56
N THR B 92 -7.03 -5.03 -13.16
CA THR B 92 -7.69 -6.34 -13.18
C THR B 92 -9.11 -6.33 -12.62
N LYS B 93 -9.97 -7.12 -13.26
CA LYS B 93 -11.39 -7.29 -12.90
C LYS B 93 -11.67 -8.81 -12.95
N PRO B 94 -12.75 -9.28 -12.29
CA PRO B 94 -13.08 -10.71 -12.30
C PRO B 94 -13.25 -11.24 -13.72
N GLN B 95 -12.65 -12.39 -14.00
CA GLN B 95 -12.73 -12.98 -15.32
C GLN B 95 -13.80 -14.08 -15.29
N THR B 96 -13.66 -15.12 -16.12
CA THR B 96 -14.64 -16.20 -16.14
C THR B 96 -14.66 -16.95 -14.83
N GLY B 97 -15.85 -17.34 -14.40
CA GLY B 97 -16.04 -18.05 -13.15
C GLY B 97 -15.96 -19.55 -13.26
N GLY B 98 -16.65 -20.24 -12.34
CA GLY B 98 -16.64 -21.68 -12.32
C GLY B 98 -15.21 -22.19 -12.24
N GLY B 99 -14.88 -23.17 -13.09
CA GLY B 99 -13.55 -23.74 -13.11
C GLY B 99 -12.46 -22.81 -13.63
N TYR B 100 -12.83 -21.61 -14.09
CA TYR B 100 -11.83 -20.66 -14.58
C TYR B 100 -11.35 -19.79 -13.41
N LEU B 101 -11.84 -20.11 -12.22
CA LEU B 101 -11.45 -19.47 -10.97
C LEU B 101 -11.48 -17.96 -10.87
N GLY B 102 -12.23 -17.32 -11.77
CA GLY B 102 -12.35 -15.87 -11.76
C GLY B 102 -11.09 -15.17 -12.24
N VAL B 103 -10.10 -15.91 -12.75
CA VAL B 103 -8.85 -15.30 -13.18
C VAL B 103 -8.50 -15.49 -14.63
N PHE B 104 -8.99 -16.57 -15.24
CA PHE B 104 -8.68 -16.79 -16.66
C PHE B 104 -9.93 -16.93 -17.50
N ASN B 105 -9.75 -16.98 -18.81
CA ASN B 105 -10.87 -17.10 -19.75
C ASN B 105 -10.85 -18.38 -20.62
N SER B 106 -9.72 -19.09 -20.63
CA SER B 106 -9.59 -20.32 -21.40
C SER B 106 -8.37 -21.14 -20.96
N ALA B 107 -8.30 -22.34 -21.53
CA ALA B 107 -7.21 -23.29 -21.27
C ALA B 107 -6.09 -23.10 -22.28
N GLU B 108 -6.30 -22.20 -23.23
CA GLU B 108 -5.28 -21.90 -24.23
C GLU B 108 -4.45 -20.73 -23.69
N TYR B 109 -3.18 -20.69 -24.08
CA TYR B 109 -2.30 -19.61 -23.64
C TYR B 109 -2.76 -18.29 -24.23
N ASP B 110 -2.86 -17.26 -23.39
CA ASP B 110 -3.27 -15.95 -23.84
C ASP B 110 -2.40 -14.87 -23.19
N LYS B 111 -1.45 -14.37 -23.96
CA LYS B 111 -0.49 -13.35 -23.53
C LYS B 111 -1.11 -12.07 -23.00
N THR B 112 -2.23 -11.65 -23.56
CA THR B 112 -2.87 -10.42 -23.12
C THR B 112 -3.49 -10.52 -21.73
N THR B 113 -3.60 -11.74 -21.20
CA THR B 113 -4.15 -11.97 -19.87
C THR B 113 -3.19 -11.42 -18.82
N GLN B 114 -1.89 -11.58 -19.07
CA GLN B 114 -0.83 -11.11 -18.16
C GLN B 114 -1.10 -11.42 -16.69
N THR B 115 -1.41 -12.68 -16.42
CA THR B 115 -1.77 -13.12 -15.08
C THR B 115 -1.07 -14.43 -14.66
N VAL B 116 -0.51 -14.40 -13.46
CA VAL B 116 0.15 -15.55 -12.87
C VAL B 116 -0.67 -15.86 -11.65
N ALA B 117 -1.04 -17.12 -11.49
CA ALA B 117 -1.82 -17.51 -10.34
C ALA B 117 -1.33 -18.82 -9.77
N VAL B 118 -1.67 -19.05 -8.52
CA VAL B 118 -1.37 -20.31 -7.87
C VAL B 118 -2.75 -20.75 -7.41
N GLU B 119 -3.21 -21.89 -7.92
CA GLU B 119 -4.52 -22.40 -7.61
C GLU B 119 -4.54 -23.56 -6.64
N PHE B 120 -5.65 -23.65 -5.95
CA PHE B 120 -5.93 -24.69 -5.01
C PHE B 120 -7.27 -25.13 -5.60
N ASP B 121 -7.18 -26.01 -6.60
CA ASP B 121 -8.31 -26.51 -7.38
C ASP B 121 -9.01 -27.71 -6.73
N THR B 122 -10.30 -27.56 -6.41
CA THR B 122 -11.03 -28.64 -5.76
C THR B 122 -12.02 -29.41 -6.65
N PHE B 123 -12.08 -29.04 -7.93
CA PHE B 123 -12.99 -29.64 -8.90
C PHE B 123 -12.30 -30.02 -10.20
N TYR B 124 -12.59 -31.24 -10.66
CA TYR B 124 -12.02 -31.76 -11.90
C TYR B 124 -12.77 -31.34 -13.14
N ASN B 125 -12.10 -30.57 -13.97
CA ASN B 125 -12.66 -30.10 -15.21
C ASN B 125 -11.98 -30.92 -16.25
N ALA B 126 -12.75 -31.83 -16.83
CA ALA B 126 -12.27 -32.74 -17.85
C ALA B 126 -11.39 -32.14 -18.94
N ALA B 127 -11.80 -31.00 -19.49
CA ALA B 127 -11.03 -30.40 -20.58
C ALA B 127 -9.61 -29.92 -20.32
N TRP B 128 -9.24 -29.69 -19.06
CA TRP B 128 -7.89 -29.19 -18.79
C TRP B 128 -7.23 -29.69 -17.50
N ASP B 129 -8.00 -30.11 -16.51
CA ASP B 129 -7.40 -30.58 -15.27
C ASP B 129 -6.69 -31.95 -15.38
N PRO B 130 -5.69 -32.20 -14.50
CA PRO B 130 -4.95 -33.47 -14.53
C PRO B 130 -5.85 -34.71 -14.55
N SER B 131 -5.58 -35.55 -15.54
CA SER B 131 -6.32 -36.79 -15.79
C SER B 131 -6.62 -37.68 -14.59
N ASN B 132 -5.74 -37.70 -13.60
CA ASN B 132 -5.98 -38.52 -12.40
C ASN B 132 -7.23 -38.05 -11.65
N ARG B 133 -7.71 -36.87 -12.02
CA ARG B 133 -8.90 -36.33 -11.41
C ARG B 133 -8.69 -35.99 -9.93
N ASP B 134 -7.45 -35.68 -9.57
CA ASP B 134 -7.10 -35.36 -8.21
C ASP B 134 -7.12 -33.87 -7.92
N ARG B 135 -7.51 -33.50 -6.71
CA ARG B 135 -7.49 -32.10 -6.33
C ARG B 135 -6.00 -31.78 -6.38
N HIS B 136 -5.67 -30.56 -6.74
CA HIS B 136 -4.27 -30.24 -6.90
C HIS B 136 -3.94 -28.78 -6.71
N ILE B 137 -2.65 -28.55 -6.58
CA ILE B 137 -2.10 -27.21 -6.45
C ILE B 137 -1.48 -27.03 -7.82
N GLY B 138 -1.62 -25.85 -8.40
CA GLY B 138 -1.03 -25.62 -9.70
C GLY B 138 -0.54 -24.21 -9.85
N ILE B 139 0.38 -24.03 -10.79
CA ILE B 139 0.97 -22.74 -11.11
C ILE B 139 0.41 -22.47 -12.51
N ASP B 140 -0.40 -21.42 -12.64
CA ASP B 140 -1.02 -21.08 -13.92
C ASP B 140 -0.35 -19.88 -14.50
N VAL B 141 -0.08 -19.92 -15.80
CA VAL B 141 0.57 -18.80 -16.46
C VAL B 141 -0.19 -18.45 -17.72
N ASN B 142 -0.95 -17.36 -17.67
CA ASN B 142 -1.75 -16.91 -18.80
C ASN B 142 -2.72 -17.99 -19.31
N SER B 143 -3.07 -18.94 -18.46
CA SER B 143 -3.96 -20.02 -18.88
C SER B 143 -4.42 -20.82 -17.69
N ILE B 144 -5.65 -21.30 -17.74
CA ILE B 144 -6.20 -22.10 -16.64
C ILE B 144 -5.62 -23.56 -16.67
N LYS B 145 -4.89 -23.89 -17.73
CA LYS B 145 -4.27 -25.21 -17.82
C LYS B 145 -2.89 -25.00 -17.19
N SER B 146 -2.76 -25.38 -15.91
CA SER B 146 -1.53 -25.20 -15.14
C SER B 146 -0.28 -25.65 -15.87
N VAL B 147 0.83 -24.99 -15.55
CA VAL B 147 2.12 -25.29 -16.14
C VAL B 147 2.73 -26.49 -15.41
N ASN B 148 2.39 -26.62 -14.13
CA ASN B 148 2.89 -27.69 -13.28
C ASN B 148 1.77 -27.87 -12.24
N THR B 149 1.64 -29.04 -11.65
CA THR B 149 0.60 -29.28 -10.64
C THR B 149 1.11 -30.33 -9.67
N LYS B 150 0.39 -30.51 -8.56
CA LYS B 150 0.77 -31.49 -7.54
C LYS B 150 -0.49 -31.85 -6.80
N SER B 151 -0.80 -33.15 -6.74
CA SER B 151 -1.99 -33.65 -6.06
C SER B 151 -2.03 -33.22 -4.61
N TRP B 152 -3.19 -32.80 -4.16
CA TRP B 152 -3.38 -32.30 -2.81
C TRP B 152 -4.71 -32.82 -2.24
N LYS B 153 -4.64 -33.39 -1.06
CA LYS B 153 -5.82 -33.89 -0.40
C LYS B 153 -6.44 -32.78 0.44
N LEU B 154 -7.64 -32.40 0.10
CA LEU B 154 -8.35 -31.36 0.83
C LEU B 154 -8.74 -31.86 2.20
N GLN B 155 -8.48 -31.05 3.21
CA GLN B 155 -8.88 -31.36 4.58
C GLN B 155 -9.97 -30.34 4.84
N ASN B 156 -11.21 -30.81 4.66
CA ASN B 156 -12.38 -29.97 4.79
C ASN B 156 -12.51 -29.22 6.12
N GLY B 157 -12.71 -27.91 6.02
CA GLY B 157 -12.88 -27.09 7.20
C GLY B 157 -11.63 -26.80 8.01
N GLU B 158 -10.48 -27.30 7.56
CA GLU B 158 -9.25 -27.08 8.30
C GLU B 158 -8.44 -25.93 7.75
N GLU B 159 -7.72 -25.27 8.66
CA GLU B 159 -6.86 -24.15 8.32
C GLU B 159 -5.62 -24.62 7.61
N ALA B 160 -5.31 -24.01 6.48
CA ALA B 160 -4.15 -24.38 5.72
C ALA B 160 -3.20 -23.21 5.69
N ASN B 161 -1.93 -23.44 6.01
CA ASN B 161 -0.93 -22.38 5.99
C ASN B 161 -0.18 -22.41 4.67
N VAL B 162 -0.13 -21.29 3.98
CA VAL B 162 0.53 -21.24 2.70
C VAL B 162 1.62 -20.19 2.68
N VAL B 163 2.67 -20.47 1.91
CA VAL B 163 3.77 -19.54 1.72
C VAL B 163 4.03 -19.64 0.24
N ILE B 164 3.98 -18.52 -0.47
CA ILE B 164 4.27 -18.53 -1.90
C ILE B 164 5.47 -17.61 -1.99
N ALA B 165 6.59 -18.10 -2.52
CA ALA B 165 7.79 -17.29 -2.62
C ALA B 165 8.37 -17.23 -4.03
N PHE B 166 8.81 -16.05 -4.44
CA PHE B 166 9.43 -15.85 -5.75
C PHE B 166 10.88 -15.40 -5.61
N ASN B 167 11.80 -16.16 -6.18
CA ASN B 167 13.21 -15.80 -6.11
C ASN B 167 13.61 -15.19 -7.43
N ALA B 168 13.91 -13.89 -7.41
CA ALA B 168 14.27 -13.18 -8.64
C ALA B 168 15.56 -13.62 -9.34
N ALA B 169 16.51 -14.17 -8.59
CA ALA B 169 17.77 -14.60 -9.17
C ALA B 169 17.58 -15.78 -10.13
N THR B 170 16.80 -16.76 -9.68
CA THR B 170 16.56 -17.97 -10.42
C THR B 170 15.21 -18.04 -11.12
N ASN B 171 14.33 -17.07 -10.85
CA ASN B 171 12.98 -17.03 -11.40
C ASN B 171 12.16 -18.20 -10.92
N VAL B 172 12.50 -18.76 -9.77
CA VAL B 172 11.75 -19.88 -9.25
C VAL B 172 10.64 -19.46 -8.30
N LEU B 173 9.43 -19.93 -8.61
CA LEU B 173 8.25 -19.65 -7.80
C LEU B 173 8.01 -20.93 -7.00
N THR B 174 7.87 -20.88 -5.68
CA THR B 174 7.62 -22.10 -4.93
C THR B 174 6.41 -21.87 -4.06
N VAL B 175 5.65 -22.93 -3.83
CA VAL B 175 4.44 -22.89 -3.02
C VAL B 175 4.52 -24.00 -1.99
N SER B 176 4.07 -23.71 -0.78
CA SER B 176 4.04 -24.69 0.29
C SER B 176 2.68 -24.61 0.96
N LEU B 177 2.09 -25.76 1.31
CA LEU B 177 0.81 -25.80 1.97
C LEU B 177 0.97 -26.80 3.11
N THR B 178 0.52 -26.43 4.30
CA THR B 178 0.62 -27.27 5.48
C THR B 178 -0.71 -27.36 6.22
N TYR B 179 -1.03 -28.55 6.72
CA TYR B 179 -2.23 -28.78 7.52
C TYR B 179 -1.75 -29.10 8.92
N PRO B 180 -2.52 -28.70 9.96
CA PRO B 180 -2.19 -28.93 11.37
C PRO B 180 -1.82 -30.39 11.61
N ASN B 181 -2.67 -31.28 11.11
CA ASN B 181 -2.47 -32.71 11.22
C ASN B 181 -2.31 -33.23 9.80
N VAL B 188 0.74 -33.15 10.93
CA VAL B 188 1.37 -32.17 9.99
C VAL B 188 1.53 -32.76 8.60
N THR B 189 0.59 -32.44 7.71
CA THR B 189 0.64 -32.88 6.33
C THR B 189 1.15 -31.68 5.51
N SER B 190 2.07 -31.92 4.59
CA SER B 190 2.60 -30.82 3.81
C SER B 190 2.68 -31.16 2.33
N TYR B 191 2.62 -30.10 1.51
CA TYR B 191 2.68 -30.20 0.07
C TYR B 191 3.55 -29.04 -0.39
N THR B 192 4.30 -29.25 -1.46
CA THR B 192 5.18 -28.22 -1.98
C THR B 192 5.24 -28.37 -3.50
N LEU B 193 5.37 -27.27 -4.23
CA LEU B 193 5.41 -27.30 -5.69
C LEU B 193 6.21 -26.10 -6.14
N SER B 194 6.91 -26.20 -7.26
CA SER B 194 7.67 -25.07 -7.76
C SER B 194 7.98 -25.22 -9.24
N ASP B 195 8.30 -24.12 -9.89
CA ASP B 195 8.63 -24.12 -11.30
C ASP B 195 9.27 -22.79 -11.59
N VAL B 196 9.90 -22.64 -12.75
CA VAL B 196 10.48 -21.34 -13.06
C VAL B 196 9.49 -20.56 -13.92
N VAL B 197 9.14 -19.36 -13.47
CA VAL B 197 8.21 -18.50 -14.19
C VAL B 197 8.97 -17.23 -14.53
N SER B 198 8.97 -16.84 -15.79
CA SER B 198 9.66 -15.63 -16.17
C SER B 198 8.66 -14.49 -15.96
N LEU B 199 8.56 -14.04 -14.71
CA LEU B 199 7.63 -12.96 -14.35
C LEU B 199 7.73 -11.76 -15.28
N LYS B 200 8.95 -11.35 -15.57
CA LYS B 200 9.22 -10.20 -16.42
C LYS B 200 8.60 -10.31 -17.82
N ASP B 201 8.38 -11.52 -18.29
CA ASP B 201 7.81 -11.70 -19.63
C ASP B 201 6.30 -11.84 -19.61
N VAL B 202 5.74 -12.19 -18.47
CA VAL B 202 4.31 -12.38 -18.34
C VAL B 202 3.53 -11.15 -17.83
N VAL B 203 3.91 -10.61 -16.68
CA VAL B 203 3.18 -9.49 -16.11
C VAL B 203 3.80 -8.13 -16.39
N PRO B 204 3.01 -7.04 -16.23
CA PRO B 204 3.52 -5.69 -16.48
C PRO B 204 4.38 -5.23 -15.30
N GLU B 205 5.04 -4.09 -15.45
CA GLU B 205 5.91 -3.53 -14.41
C GLU B 205 5.18 -3.35 -13.09
N TRP B 206 3.98 -2.79 -13.17
CA TRP B 206 3.15 -2.60 -11.98
C TRP B 206 2.02 -3.61 -12.04
N VAL B 207 1.65 -4.13 -10.89
CA VAL B 207 0.61 -5.12 -10.78
C VAL B 207 -0.18 -4.94 -9.49
N ARG B 208 -1.24 -5.70 -9.34
CA ARG B 208 -2.00 -5.72 -8.10
C ARG B 208 -2.03 -7.21 -7.78
N ILE B 209 -1.96 -7.55 -6.50
CA ILE B 209 -2.00 -8.93 -6.06
C ILE B 209 -3.25 -9.18 -5.24
N GLY B 210 -3.75 -10.40 -5.25
CA GLY B 210 -4.91 -10.69 -4.46
C GLY B 210 -5.33 -12.14 -4.46
N PHE B 211 -6.54 -12.37 -4.00
CA PHE B 211 -7.11 -13.69 -3.95
C PHE B 211 -8.34 -13.75 -4.84
N SER B 212 -8.73 -14.97 -5.17
CA SER B 212 -9.89 -15.21 -6.02
C SER B 212 -10.48 -16.56 -5.61
N ALA B 213 -11.78 -16.71 -5.70
CA ALA B 213 -12.44 -17.98 -5.38
C ALA B 213 -13.74 -17.98 -6.17
N THR B 214 -14.20 -19.17 -6.55
CA THR B 214 -15.43 -19.27 -7.34
C THR B 214 -16.15 -20.56 -7.02
N THR B 215 -17.45 -20.58 -7.31
CA THR B 215 -18.27 -21.77 -7.17
C THR B 215 -19.04 -21.88 -8.50
N GLY B 216 -19.68 -22.99 -8.74
CA GLY B 216 -20.44 -23.17 -9.97
C GLY B 216 -21.59 -24.07 -9.59
N ALA B 217 -21.79 -25.16 -10.33
CA ALA B 217 -22.86 -26.09 -10.04
C ALA B 217 -22.59 -26.73 -8.69
N GLU B 218 -21.31 -26.93 -8.36
CA GLU B 218 -20.88 -27.48 -7.06
C GLU B 218 -20.25 -26.29 -6.33
N TYR B 219 -20.39 -26.24 -5.01
CA TYR B 219 -19.90 -25.09 -4.25
C TYR B 219 -19.27 -25.37 -2.88
N ALA B 220 -18.78 -24.28 -2.26
CA ALA B 220 -18.13 -24.29 -0.95
C ALA B 220 -17.75 -22.84 -0.56
N ALA B 221 -17.58 -22.61 0.75
CA ALA B 221 -17.15 -21.31 1.26
C ALA B 221 -15.62 -21.26 1.30
N HIS B 222 -15.03 -20.18 0.80
CA HIS B 222 -13.58 -19.97 0.78
C HIS B 222 -13.30 -18.69 1.55
N GLU B 223 -12.55 -18.80 2.65
CA GLU B 223 -12.21 -17.68 3.52
C GLU B 223 -10.71 -17.61 3.75
N VAL B 224 -10.19 -16.40 3.98
CA VAL B 224 -8.78 -16.20 4.26
C VAL B 224 -8.76 -15.65 5.68
N LEU B 225 -7.90 -16.21 6.53
CA LEU B 225 -7.82 -15.79 7.93
C LEU B 225 -6.73 -14.77 8.28
N SER B 226 -5.67 -14.69 7.48
CA SER B 226 -4.61 -13.73 7.72
C SER B 226 -3.78 -13.61 6.46
N TRP B 227 -3.01 -12.55 6.30
CA TRP B 227 -2.26 -12.33 5.07
C TRP B 227 -1.11 -11.36 5.28
N SER B 228 0.06 -11.70 4.75
CA SER B 228 1.20 -10.82 4.83
C SER B 228 1.86 -10.89 3.49
N PHE B 229 2.56 -9.85 3.11
CA PHE B 229 3.21 -9.82 1.83
C PHE B 229 4.40 -8.92 1.95
N HIS B 230 5.48 -9.25 1.23
CA HIS B 230 6.67 -8.42 1.21
C HIS B 230 7.37 -8.56 -0.13
N SER B 231 7.66 -7.44 -0.78
CA SER B 231 8.38 -7.49 -2.03
C SER B 231 9.53 -6.51 -1.96
N GLU B 232 10.56 -6.77 -2.73
CA GLU B 232 11.73 -5.94 -2.72
C GLU B 232 12.32 -5.91 -4.10
N LEU B 233 12.36 -4.72 -4.70
CA LEU B 233 12.91 -4.55 -6.03
C LEU B 233 14.15 -3.65 -5.86
N SER B 234 15.31 -4.16 -6.24
CA SER B 234 16.55 -3.39 -6.12
C SER B 234 16.71 -2.43 -7.29
#